data_3R09
#
_entry.id   3R09
#
_cell.length_a   66.299
_cell.length_b   66.299
_cell.length_c   251.290
_cell.angle_alpha   90.000
_cell.angle_beta   90.000
_cell.angle_gamma   120.000
#
_symmetry.space_group_name_H-M   'P 61 2 2'
#
loop_
_entity.id
_entity.type
_entity.pdbx_description
1 polymer 'Hydrolase, haloacid dehalogenase-like family'
2 non-polymer 'MAGNESIUM ION'
3 non-polymer 'SULFATE ION'
4 water water
#
_entity_poly.entity_id   1
_entity_poly.type   'polypeptide(L)'
_entity_poly.pdbx_seq_one_letter_code
;(MSE)SLSEIKHWVFD(MSE)DGTLTIAVHDFAAIREALSIPAEDDILTHLAALPADESAAKHAWLLEHERDLAQGSRPA
PGAVELVRELAGRGYRLGILTRNARELAHVTLEAIGLADCFAEADVLGRDEAPPKPHPGGLLKLAEAWDVSPSR(MSE)V
(MSE)VGDYRFDLDCGRAAGTRTVLVNLPDNPWPELTDWHARDCAQLRDLLSAEGHHHHHH
;
_entity_poly.pdbx_strand_id   A
#
loop_
_chem_comp.id
_chem_comp.type
_chem_comp.name
_chem_comp.formula
MG non-polymer 'MAGNESIUM ION' 'Mg 2'
SO4 non-polymer 'SULFATE ION' 'O4 S -2'
#
# COMPACT_ATOMS: atom_id res chain seq x y z
N SER A 2 18.89 -7.72 -8.88
CA SER A 2 17.65 -8.49 -8.98
C SER A 2 16.79 -8.35 -7.73
N LEU A 3 15.48 -8.29 -7.92
CA LEU A 3 14.54 -8.09 -6.83
C LEU A 3 14.60 -9.26 -5.84
N SER A 4 14.79 -10.46 -6.35
CA SER A 4 14.85 -11.65 -5.52
C SER A 4 16.11 -11.67 -4.65
N GLU A 5 17.07 -10.78 -4.93
CA GLU A 5 18.26 -10.67 -4.10
C GLU A 5 18.04 -9.80 -2.86
N ILE A 6 16.96 -9.03 -2.86
CA ILE A 6 16.63 -8.21 -1.69
C ILE A 6 15.96 -9.08 -0.63
N LYS A 7 16.52 -9.11 0.57
CA LYS A 7 15.98 -9.98 1.62
C LYS A 7 15.48 -9.20 2.82
N HIS A 8 15.39 -7.89 2.65
CA HIS A 8 14.88 -7.00 3.69
C HIS A 8 13.88 -6.06 3.05
N TRP A 9 12.62 -6.23 3.40
CA TRP A 9 11.51 -5.55 2.74
C TRP A 9 10.75 -4.72 3.75
N VAL A 10 10.37 -3.51 3.35
CA VAL A 10 9.61 -2.62 4.23
C VAL A 10 8.36 -2.18 3.51
N PHE A 11 7.22 -2.27 4.19
CA PHE A 11 5.95 -1.93 3.57
C PHE A 11 5.26 -0.74 4.21
N ASP A 12 4.71 0.09 3.36
CA ASP A 12 3.71 1.04 3.78
C ASP A 12 2.45 0.23 4.10
N MSE A 13 1.52 0.82 4.83
N MSE A 13 1.51 0.80 4.83
CA MSE A 13 0.29 0.16 5.24
CA MSE A 13 0.25 0.09 5.09
C MSE A 13 -0.91 0.57 4.36
C MSE A 13 -0.89 0.61 4.25
O MSE A 13 -1.33 -0.19 3.51
O MSE A 13 -1.28 -0.02 3.27
CB MSE A 13 -0.03 0.47 6.70
CB MSE A 13 -0.11 0.14 6.57
CG MSE A 13 -1.34 -0.08 7.21
CG MSE A 13 0.89 -0.58 7.45
SE MSE A 13 -1.11 -1.07 8.88
SE MSE A 13 0.03 -1.91 8.56
CE MSE A 13 0.06 -2.46 8.18
CE MSE A 13 -1.43 -0.79 9.23
N ASP A 14 -1.41 1.79 4.61
CA ASP A 14 -2.57 2.31 3.89
C ASP A 14 -2.30 2.50 2.41
N GLY A 15 -3.07 1.83 1.56
CA GLY A 15 -2.89 1.97 0.13
C GLY A 15 -1.95 0.93 -0.46
N THR A 16 -1.19 0.26 0.40
CA THR A 16 -0.23 -0.74 -0.06
C THR A 16 -0.64 -2.14 0.36
N LEU A 17 -0.61 -2.42 1.65
CA LEU A 17 -1.07 -3.72 2.17
C LEU A 17 -2.58 -3.75 2.37
N THR A 18 -3.18 -2.60 2.65
CA THR A 18 -4.62 -2.53 2.81
C THR A 18 -5.20 -1.39 2.00
N ILE A 19 -6.49 -1.50 1.68
CA ILE A 19 -7.18 -0.41 1.01
C ILE A 19 -8.50 -0.14 1.72
N ALA A 20 -8.95 1.12 1.71
CA ALA A 20 -10.23 1.47 2.28
C ALA A 20 -11.36 0.87 1.45
N VAL A 21 -12.37 0.33 2.12
CA VAL A 21 -13.61 -0.07 1.44
C VAL A 21 -14.71 0.95 1.72
N HIS A 22 -15.71 1.00 0.85
CA HIS A 22 -16.77 1.99 0.99
C HIS A 22 -18.15 1.39 0.89
N ASP A 23 -19.14 2.11 1.38
CA ASP A 23 -20.50 1.64 1.43
C ASP A 23 -21.12 1.67 0.04
N PHE A 24 -21.06 0.54 -0.67
CA PHE A 24 -21.56 0.47 -2.04
C PHE A 24 -23.04 0.82 -2.15
N ALA A 25 -23.86 0.30 -1.25
CA ALA A 25 -25.29 0.56 -1.30
C ALA A 25 -25.60 2.05 -1.11
N ALA A 26 -24.92 2.70 -0.17
CA ALA A 26 -25.12 4.13 0.05
C ALA A 26 -24.70 4.91 -1.18
N ILE A 27 -23.60 4.50 -1.79
CA ILE A 27 -23.12 5.17 -3.00
C ILE A 27 -24.13 5.03 -4.13
N ARG A 28 -24.61 3.81 -4.35
CA ARG A 28 -25.59 3.55 -5.40
C ARG A 28 -26.88 4.35 -5.22
N GLU A 29 -27.33 4.47 -3.98
CA GLU A 29 -28.53 5.22 -3.68
C GLU A 29 -28.32 6.72 -3.93
N ALA A 30 -27.23 7.26 -3.40
CA ALA A 30 -26.94 8.70 -3.52
C ALA A 30 -26.71 9.15 -4.96
N LEU A 31 -26.03 8.31 -5.74
CA LEU A 31 -25.69 8.68 -7.11
C LEU A 31 -26.67 8.08 -8.13
N SER A 32 -27.74 7.47 -7.62
CA SER A 32 -28.78 6.89 -8.47
C SER A 32 -28.23 5.90 -9.50
N ILE A 33 -27.47 4.91 -9.04
CA ILE A 33 -26.92 3.90 -9.95
C ILE A 33 -27.86 2.72 -10.01
N PRO A 34 -28.20 2.25 -11.23
CA PRO A 34 -29.06 1.07 -11.35
C PRO A 34 -28.33 -0.16 -10.83
N ALA A 35 -29.07 -1.10 -10.23
CA ALA A 35 -28.49 -2.33 -9.71
C ALA A 35 -27.69 -3.11 -10.75
N GLU A 36 -28.10 -3.05 -12.01
CA GLU A 36 -27.43 -3.83 -13.06
C GLU A 36 -26.16 -3.18 -13.60
N ASP A 37 -25.86 -1.97 -13.15
CA ASP A 37 -24.66 -1.26 -13.61
C ASP A 37 -23.57 -1.26 -12.56
N ASP A 38 -22.33 -1.30 -13.02
CA ASP A 38 -21.19 -1.09 -12.15
C ASP A 38 -21.11 0.41 -11.89
N ILE A 39 -20.75 0.81 -10.67
CA ILE A 39 -20.75 2.23 -10.31
C ILE A 39 -19.92 3.12 -11.25
N LEU A 40 -18.64 2.78 -11.40
CA LEU A 40 -17.73 3.61 -12.19
C LEU A 40 -18.09 3.61 -13.68
N THR A 41 -18.46 2.44 -14.21
CA THR A 41 -18.85 2.33 -15.61
CA THR A 41 -18.84 2.35 -15.60
C THR A 41 -20.08 3.19 -15.87
N HIS A 42 -21.03 3.16 -14.93
CA HIS A 42 -22.21 3.99 -15.05
C HIS A 42 -21.89 5.48 -15.05
N LEU A 43 -21.04 5.91 -14.12
CA LEU A 43 -20.69 7.32 -14.04
C LEU A 43 -19.95 7.77 -15.30
N ALA A 44 -19.09 6.90 -15.83
CA ALA A 44 -18.30 7.28 -16.99
C ALA A 44 -19.21 7.51 -18.19
N ALA A 45 -20.38 6.90 -18.18
CA ALA A 45 -21.30 6.96 -19.32
C ALA A 45 -22.32 8.08 -19.23
N LEU A 46 -22.40 8.75 -18.09
CA LEU A 46 -23.32 9.89 -17.92
C LEU A 46 -22.81 11.09 -18.69
N PRO A 47 -23.71 12.06 -18.99
CA PRO A 47 -23.26 13.35 -19.50
C PRO A 47 -22.12 13.87 -18.63
N ALA A 48 -21.20 14.62 -19.23
CA ALA A 48 -19.97 15.00 -18.54
C ALA A 48 -20.23 15.81 -17.28
N ASP A 49 -21.25 16.65 -17.31
CA ASP A 49 -21.55 17.54 -16.19
C ASP A 49 -22.13 16.80 -15.00
N GLU A 50 -22.97 15.80 -15.30
CA GLU A 50 -23.57 14.99 -14.26
C GLU A 50 -22.52 14.05 -13.67
N SER A 51 -21.65 13.53 -14.55
CA SER A 51 -20.57 12.67 -14.15
C SER A 51 -19.61 13.40 -13.21
N ALA A 52 -19.19 14.60 -13.60
CA ALA A 52 -18.32 15.45 -12.77
C ALA A 52 -18.93 15.75 -11.40
N ALA A 53 -20.20 16.15 -11.40
CA ALA A 53 -20.88 16.45 -10.15
C ALA A 53 -20.92 15.21 -9.24
N LYS A 54 -21.21 14.06 -9.81
CA LYS A 54 -21.34 12.86 -8.99
C LYS A 54 -19.98 12.34 -8.50
N HIS A 55 -18.96 12.43 -9.34
CA HIS A 55 -17.61 12.08 -8.90
C HIS A 55 -17.10 13.03 -7.81
N ALA A 56 -17.40 14.32 -7.93
CA ALA A 56 -16.96 15.28 -6.93
C ALA A 56 -17.63 15.00 -5.60
N TRP A 57 -18.89 14.60 -5.66
CA TRP A 57 -19.62 14.27 -4.43
C TRP A 57 -19.01 13.04 -3.77
N LEU A 58 -18.68 12.04 -4.57
CA LEU A 58 -18.10 10.80 -4.06
C LEU A 58 -16.79 11.10 -3.32
N LEU A 59 -15.97 11.93 -3.93
CA LEU A 59 -14.68 12.31 -3.35
C LEU A 59 -14.88 13.14 -2.09
N GLU A 60 -15.81 14.08 -2.13
CA GLU A 60 -16.12 14.93 -0.99
C GLU A 60 -16.53 14.11 0.25
N HIS A 61 -17.22 12.99 0.02
CA HIS A 61 -17.73 12.18 1.12
C HIS A 61 -17.01 10.86 1.30
N GLU A 62 -15.75 10.82 0.88
CA GLU A 62 -14.96 9.58 0.95
C GLU A 62 -14.95 9.04 2.38
N ARG A 63 -14.73 9.90 3.35
CA ARG A 63 -14.62 9.50 4.75
C ARG A 63 -15.99 9.12 5.34
N ASP A 64 -17.04 9.81 4.90
CA ASP A 64 -18.40 9.46 5.34
C ASP A 64 -18.81 8.07 4.86
N LEU A 65 -18.29 7.68 3.70
CA LEU A 65 -18.71 6.46 3.04
C LEU A 65 -17.79 5.28 3.37
N ALA A 66 -16.69 5.56 4.06
CA ALA A 66 -15.69 4.53 4.34
C ALA A 66 -16.19 3.54 5.38
N GLN A 67 -15.81 2.28 5.21
CA GLN A 67 -16.21 1.20 6.15
C GLN A 67 -15.01 0.34 6.51
N GLY A 68 -13.97 0.99 7.04
CA GLY A 68 -12.76 0.28 7.41
C GLY A 68 -11.97 -0.09 6.17
N SER A 69 -11.19 -1.15 6.27
CA SER A 69 -10.31 -1.54 5.18
CA SER A 69 -10.31 -1.54 5.18
C SER A 69 -10.30 -3.05 4.94
N ARG A 70 -9.68 -3.45 3.85
CA ARG A 70 -9.49 -4.86 3.54
C ARG A 70 -8.12 -5.01 2.91
N PRO A 71 -7.60 -6.24 2.86
CA PRO A 71 -6.29 -6.47 2.26
C PRO A 71 -6.28 -6.03 0.80
N ALA A 72 -5.20 -5.40 0.36
CA ALA A 72 -5.07 -5.03 -1.04
C ALA A 72 -4.84 -6.30 -1.86
N PRO A 73 -5.22 -6.26 -3.15
CA PRO A 73 -5.06 -7.45 -4.00
C PRO A 73 -3.63 -8.02 -3.95
N GLY A 74 -3.49 -9.31 -3.62
CA GLY A 74 -2.20 -9.98 -3.62
C GLY A 74 -1.30 -9.67 -2.43
N ALA A 75 -1.74 -8.78 -1.54
CA ALA A 75 -0.89 -8.36 -0.43
C ALA A 75 -0.59 -9.49 0.58
N VAL A 76 -1.62 -10.18 1.02
CA VAL A 76 -1.42 -11.31 1.94
C VAL A 76 -0.52 -12.36 1.29
N GLU A 77 -0.77 -12.63 0.00
CA GLU A 77 -0.02 -13.61 -0.75
C GLU A 77 1.46 -13.23 -0.84
N LEU A 78 1.73 -11.96 -1.13
CA LEU A 78 3.12 -11.51 -1.27
C LEU A 78 3.87 -11.62 0.07
N VAL A 79 3.26 -11.12 1.13
CA VAL A 79 3.89 -11.11 2.45
C VAL A 79 4.16 -12.54 2.96
N ARG A 80 3.21 -13.44 2.74
CA ARG A 80 3.41 -14.84 3.12
C ARG A 80 4.51 -15.49 2.30
N GLU A 81 4.58 -15.16 1.00
CA GLU A 81 5.65 -15.68 0.15
C GLU A 81 7.02 -15.23 0.67
N LEU A 82 7.15 -13.94 0.98
CA LEU A 82 8.40 -13.39 1.50
C LEU A 82 8.75 -13.95 2.89
N ALA A 83 7.77 -14.01 3.77
CA ALA A 83 7.99 -14.60 5.10
C ALA A 83 8.43 -16.05 4.96
N GLY A 84 7.83 -16.77 4.01
CA GLY A 84 8.17 -18.16 3.80
C GLY A 84 9.61 -18.35 3.37
N ARG A 85 10.18 -17.32 2.74
CA ARG A 85 11.58 -17.37 2.31
C ARG A 85 12.53 -17.09 3.48
N GLY A 86 11.98 -16.74 4.64
CA GLY A 86 12.79 -16.31 5.75
C GLY A 86 13.25 -14.86 5.64
N TYR A 87 12.71 -14.10 4.70
CA TYR A 87 13.12 -12.70 4.57
C TYR A 87 12.74 -11.84 5.77
N ARG A 88 13.47 -10.76 5.97
CA ARG A 88 13.18 -9.86 7.08
C ARG A 88 12.20 -8.80 6.60
N LEU A 89 11.08 -8.65 7.31
CA LEU A 89 10.01 -7.76 6.86
C LEU A 89 9.67 -6.69 7.88
N GLY A 90 9.47 -5.48 7.39
CA GLY A 90 9.10 -4.39 8.27
C GLY A 90 7.94 -3.57 7.74
N ILE A 91 7.46 -2.66 8.57
CA ILE A 91 6.39 -1.76 8.20
C ILE A 91 6.75 -0.37 8.65
N LEU A 92 6.46 0.62 7.82
CA LEU A 92 6.67 2.01 8.16
C LEU A 92 5.38 2.73 7.84
N THR A 93 4.61 3.05 8.88
CA THR A 93 3.27 3.61 8.70
C THR A 93 3.04 4.85 9.57
N ARG A 94 2.19 5.74 9.10
CA ARG A 94 1.80 6.90 9.90
C ARG A 94 0.83 6.48 11.02
N ASN A 95 0.22 5.30 10.88
CA ASN A 95 -0.70 4.79 11.90
C ASN A 95 0.00 4.57 13.23
N ALA A 96 -0.73 4.70 14.32
CA ALA A 96 -0.21 4.31 15.63
C ALA A 96 0.11 2.83 15.59
N ARG A 97 1.18 2.44 16.28
CA ARG A 97 1.64 1.05 16.27
C ARG A 97 0.54 0.08 16.70
N GLU A 98 -0.21 0.43 17.73
CA GLU A 98 -1.31 -0.40 18.22
C GLU A 98 -2.33 -0.71 17.11
N LEU A 99 -2.76 0.32 16.40
CA LEU A 99 -3.69 0.14 15.28
C LEU A 99 -3.08 -0.69 14.15
N ALA A 100 -1.83 -0.43 13.81
CA ALA A 100 -1.15 -1.21 12.80
C ALA A 100 -1.17 -2.68 13.20
N HIS A 101 -0.94 -2.93 14.48
CA HIS A 101 -0.93 -4.30 15.00
C HIS A 101 -2.29 -4.96 14.82
N VAL A 102 -3.33 -4.25 15.23
CA VAL A 102 -4.70 -4.73 15.09
C VAL A 102 -5.03 -5.06 13.62
N THR A 103 -4.71 -4.13 12.72
CA THR A 103 -4.91 -4.36 11.29
C THR A 103 -4.17 -5.62 10.81
N LEU A 104 -2.91 -5.75 11.18
CA LEU A 104 -2.13 -6.90 10.75
C LEU A 104 -2.78 -8.20 11.21
N GLU A 105 -3.28 -8.22 12.44
CA GLU A 105 -3.99 -9.39 12.97
C GLU A 105 -5.25 -9.66 12.17
N ALA A 106 -6.01 -8.59 11.90
CA ALA A 106 -7.24 -8.72 11.13
C ALA A 106 -7.00 -9.41 9.80
N ILE A 107 -5.95 -9.00 9.08
CA ILE A 107 -5.72 -9.51 7.73
C ILE A 107 -4.83 -10.76 7.73
N GLY A 108 -4.52 -11.25 8.92
CA GLY A 108 -3.79 -12.51 9.06
C GLY A 108 -2.31 -12.47 8.73
N LEU A 109 -1.64 -11.38 9.10
CA LEU A 109 -0.22 -11.21 8.77
C LEU A 109 0.62 -10.84 9.98
N ALA A 110 0.02 -10.86 11.17
CA ALA A 110 0.74 -10.46 12.38
C ALA A 110 2.00 -11.28 12.64
N ASP A 111 1.96 -12.55 12.24
CA ASP A 111 3.08 -13.46 12.46
C ASP A 111 4.22 -13.26 11.46
N CYS A 112 4.01 -12.41 10.46
CA CYS A 112 5.01 -12.20 9.41
C CYS A 112 5.98 -11.06 9.71
N PHE A 113 5.68 -10.29 10.76
CA PHE A 113 6.50 -9.14 11.14
C PHE A 113 6.85 -9.23 12.62
N ALA A 114 8.13 -9.09 12.96
CA ALA A 114 8.51 -8.99 14.37
C ALA A 114 7.95 -7.68 14.88
N GLU A 115 7.45 -7.68 16.11
CA GLU A 115 6.80 -6.49 16.65
C GLU A 115 7.70 -5.25 16.60
N ALA A 116 8.98 -5.43 16.90
CA ALA A 116 9.91 -4.31 16.90
C ALA A 116 10.12 -3.71 15.51
N ASP A 117 9.78 -4.47 14.46
CA ASP A 117 10.01 -4.01 13.09
C ASP A 117 8.78 -3.35 12.46
N VAL A 118 7.71 -3.22 13.24
CA VAL A 118 6.55 -2.45 12.81
C VAL A 118 6.67 -1.06 13.41
N LEU A 119 7.02 -0.08 12.57
CA LEU A 119 7.23 1.29 13.05
C LEU A 119 6.03 2.18 12.70
N GLY A 120 5.43 2.76 13.71
CA GLY A 120 4.26 3.62 13.54
C GLY A 120 4.53 5.07 13.87
N ARG A 121 3.45 5.81 14.11
CA ARG A 121 3.51 7.24 14.41
C ARG A 121 4.58 7.62 15.43
N ASP A 122 4.70 6.82 16.49
CA ASP A 122 5.58 7.15 17.61
C ASP A 122 7.02 6.65 17.45
N GLU A 123 7.28 5.85 16.44
CA GLU A 123 8.59 5.23 16.29
C GLU A 123 9.44 5.86 15.19
N ALA A 124 8.82 6.66 14.34
CA ALA A 124 9.53 7.22 13.18
C ALA A 124 8.85 8.51 12.72
N PRO A 125 9.63 9.44 12.18
CA PRO A 125 9.03 10.68 11.65
C PRO A 125 8.23 10.40 10.40
N PRO A 126 7.36 11.33 10.01
CA PRO A 126 6.47 11.15 8.84
C PRO A 126 7.27 11.10 7.55
N LYS A 127 6.83 10.26 6.62
CA LYS A 127 7.40 10.27 5.29
C LYS A 127 7.25 11.69 4.73
N PRO A 128 8.20 12.13 3.88
CA PRO A 128 9.32 11.36 3.36
C PRO A 128 10.62 11.45 4.17
N HIS A 129 10.55 11.78 5.45
CA HIS A 129 11.73 11.69 6.29
C HIS A 129 12.26 10.26 6.29
N PRO A 130 13.60 10.09 6.17
CA PRO A 130 14.24 8.78 6.06
C PRO A 130 14.33 8.01 7.37
N GLY A 131 14.06 8.68 8.50
CA GLY A 131 14.29 8.12 9.82
C GLY A 131 13.87 6.67 10.04
N GLY A 132 12.63 6.34 9.65
CA GLY A 132 12.11 5.01 9.88
C GLY A 132 12.88 3.91 9.15
N LEU A 133 13.22 4.16 7.90
CA LEU A 133 14.02 3.21 7.15
C LEU A 133 15.46 3.09 7.71
N LEU A 134 16.02 4.21 8.15
CA LEU A 134 17.36 4.23 8.75
C LEU A 134 17.36 3.42 10.04
N LYS A 135 16.29 3.54 10.80
CA LYS A 135 16.11 2.77 12.03
C LYS A 135 16.08 1.26 11.73
N LEU A 136 15.31 0.86 10.74
CA LEU A 136 15.23 -0.55 10.36
C LEU A 136 16.59 -1.05 9.84
N ALA A 137 17.22 -0.27 8.97
CA ALA A 137 18.51 -0.64 8.41
C ALA A 137 19.53 -0.87 9.53
N GLU A 138 19.49 -0.02 10.54
CA GLU A 138 20.39 -0.16 11.67
C GLU A 138 20.03 -1.38 12.50
N ALA A 139 18.75 -1.55 12.79
CA ALA A 139 18.30 -2.70 13.59
C ALA A 139 18.63 -4.03 12.89
N TRP A 140 18.65 -4.00 11.56
CA TRP A 140 18.86 -5.21 10.76
C TRP A 140 20.33 -5.38 10.39
N ASP A 141 21.14 -4.38 10.70
CA ASP A 141 22.58 -4.42 10.40
C ASP A 141 22.76 -4.62 8.90
N VAL A 142 22.10 -3.80 8.10
CA VAL A 142 22.14 -3.97 6.66
C VAL A 142 22.25 -2.64 5.93
N SER A 143 22.94 -2.65 4.80
CA SER A 143 23.01 -1.46 3.95
C SER A 143 21.65 -1.14 3.35
N PRO A 144 21.25 0.15 3.36
CA PRO A 144 19.95 0.48 2.77
C PRO A 144 19.84 0.03 1.32
N SER A 145 20.94 0.01 0.60
CA SER A 145 20.94 -0.43 -0.81
C SER A 145 20.45 -1.86 -0.98
N ARG A 146 20.35 -2.60 0.13
CA ARG A 146 19.91 -3.99 0.11
C ARG A 146 18.53 -4.15 0.77
N MSE A 147 17.82 -3.04 0.90
CA MSE A 147 16.45 -3.09 1.38
C MSE A 147 15.57 -2.54 0.27
O MSE A 147 16.06 -1.88 -0.65
CB MSE A 147 16.26 -2.22 2.63
CG MSE A 147 17.06 -2.66 3.84
SE MSE A 147 17.21 -1.21 5.17
CE MSE A 147 15.33 -0.68 5.40
N VAL A 148 14.28 -2.81 0.35
CA VAL A 148 13.34 -2.22 -0.58
C VAL A 148 12.19 -1.61 0.24
N MSE A 149 11.76 -0.42 -0.16
CA MSE A 149 10.59 0.22 0.42
C MSE A 149 9.45 0.08 -0.59
O MSE A 149 9.59 0.50 -1.75
CB MSE A 149 10.89 1.71 0.69
CG MSE A 149 9.65 2.53 1.08
SE MSE A 149 8.95 2.04 2.85
CE MSE A 149 7.07 2.48 2.59
N VAL A 150 8.34 -0.52 -0.16
CA VAL A 150 7.18 -0.75 -1.03
C VAL A 150 6.04 0.17 -0.62
N GLY A 151 5.55 0.98 -1.55
CA GLY A 151 4.50 1.92 -1.24
C GLY A 151 3.66 2.25 -2.45
N ASP A 152 2.69 3.16 -2.29
CA ASP A 152 1.74 3.47 -3.36
C ASP A 152 1.63 4.97 -3.61
N TYR A 153 2.45 5.75 -2.91
CA TYR A 153 2.35 7.20 -2.92
C TYR A 153 3.75 7.79 -3.11
N ARG A 154 3.84 9.00 -3.65
CA ARG A 154 5.17 9.55 -3.92
C ARG A 154 6.03 9.67 -2.66
N PHE A 155 5.42 9.97 -1.53
CA PHE A 155 6.17 10.09 -0.27
C PHE A 155 6.87 8.80 0.15
N ASP A 156 6.30 7.65 -0.22
CA ASP A 156 6.94 6.36 0.06
C ASP A 156 8.22 6.22 -0.75
N LEU A 157 8.15 6.60 -2.01
CA LEU A 157 9.29 6.53 -2.90
C LEU A 157 10.35 7.56 -2.48
N ASP A 158 9.92 8.77 -2.15
CA ASP A 158 10.81 9.82 -1.68
C ASP A 158 11.52 9.37 -0.41
N CYS A 159 10.78 8.69 0.47
CA CYS A 159 11.36 8.19 1.71
C CYS A 159 12.46 7.18 1.40
N GLY A 160 12.18 6.24 0.51
CA GLY A 160 13.18 5.27 0.11
C GLY A 160 14.42 5.92 -0.50
N ARG A 161 14.21 6.85 -1.44
CA ARG A 161 15.33 7.56 -2.06
C ARG A 161 16.16 8.33 -1.03
N ALA A 162 15.51 8.96 -0.06
CA ALA A 162 16.21 9.71 0.98
C ALA A 162 17.04 8.79 1.86
N ALA A 163 16.46 7.66 2.27
CA ALA A 163 17.17 6.72 3.12
C ALA A 163 18.24 5.95 2.33
N GLY A 164 18.07 5.89 1.01
CA GLY A 164 18.96 5.12 0.18
C GLY A 164 18.53 3.68 -0.07
N THR A 165 17.27 3.34 0.22
CA THR A 165 16.79 1.99 -0.11
C THR A 165 16.35 1.92 -1.57
N ARG A 166 16.16 0.72 -2.09
CA ARG A 166 15.47 0.57 -3.36
C ARG A 166 13.99 0.87 -3.12
N THR A 167 13.24 1.11 -4.19
CA THR A 167 11.84 1.48 -4.07
C THR A 167 10.95 0.68 -5.01
N VAL A 168 9.73 0.38 -4.56
CA VAL A 168 8.73 -0.27 -5.39
C VAL A 168 7.40 0.48 -5.34
N LEU A 169 6.81 0.73 -6.49
CA LEU A 169 5.46 1.27 -6.54
C LEU A 169 4.47 0.13 -6.82
N VAL A 170 3.44 0.01 -6.00
CA VAL A 170 2.32 -0.87 -6.31
C VAL A 170 1.01 -0.11 -6.24
N ASN A 171 -0.03 -0.69 -6.84
CA ASN A 171 -1.40 -0.19 -6.78
C ASN A 171 -1.70 1.04 -7.64
N LEU A 172 -0.81 1.32 -8.58
CA LEU A 172 -1.11 2.10 -9.78
C LEU A 172 -0.69 1.24 -10.97
N PRO A 173 -1.33 1.43 -12.13
CA PRO A 173 -1.11 0.52 -13.27
C PRO A 173 0.14 0.85 -14.10
N ASP A 174 0.74 2.01 -13.87
CA ASP A 174 1.85 2.43 -14.71
C ASP A 174 3.02 2.98 -13.91
N ASN A 175 3.77 3.90 -14.49
CA ASN A 175 5.04 4.32 -13.90
C ASN A 175 5.19 5.83 -13.88
N PRO A 176 4.39 6.51 -13.03
CA PRO A 176 4.34 7.98 -13.01
C PRO A 176 5.57 8.67 -12.44
N TRP A 177 6.41 7.98 -11.66
CA TRP A 177 7.61 8.58 -11.07
C TRP A 177 8.85 7.74 -11.38
N PRO A 178 9.18 7.59 -12.67
CA PRO A 178 10.22 6.66 -13.14
C PRO A 178 11.54 6.81 -12.38
N GLU A 179 11.94 8.05 -12.09
CA GLU A 179 13.25 8.30 -11.48
C GLU A 179 13.26 7.93 -10.00
N LEU A 180 12.08 7.86 -9.39
CA LEU A 180 11.96 7.55 -7.96
C LEU A 180 11.70 6.06 -7.74
N THR A 181 11.47 5.34 -8.83
CA THR A 181 10.89 4.00 -8.75
C THR A 181 11.80 2.96 -9.36
N ASP A 182 12.27 2.00 -8.55
CA ASP A 182 13.14 0.96 -9.09
C ASP A 182 12.36 -0.16 -9.76
N TRP A 183 11.25 -0.59 -9.14
CA TRP A 183 10.31 -1.52 -9.75
C TRP A 183 8.88 -1.01 -9.57
N HIS A 184 8.01 -1.29 -10.53
CA HIS A 184 6.60 -0.97 -10.41
C HIS A 184 5.76 -2.17 -10.78
N ALA A 185 4.62 -2.31 -10.10
CA ALA A 185 3.69 -3.40 -10.39
C ALA A 185 2.28 -2.93 -10.14
N ARG A 186 1.31 -3.46 -10.88
CA ARG A 186 -0.05 -2.95 -10.76
C ARG A 186 -0.59 -3.23 -9.36
N ASP A 187 -0.09 -4.28 -8.73
CA ASP A 187 -0.48 -4.64 -7.38
C ASP A 187 0.49 -5.65 -6.80
N CYS A 188 0.26 -6.05 -5.56
CA CYS A 188 1.17 -6.94 -4.86
C CYS A 188 1.26 -8.32 -5.49
N ALA A 189 0.17 -8.74 -6.14
CA ALA A 189 0.16 -10.02 -6.84
C ALA A 189 1.13 -10.00 -8.01
N GLN A 190 1.10 -8.93 -8.80
CA GLN A 190 2.04 -8.83 -9.92
C GLN A 190 3.46 -8.68 -9.41
N LEU A 191 3.63 -7.94 -8.31
CA LEU A 191 4.94 -7.84 -7.66
C LEU A 191 5.49 -9.21 -7.28
N ARG A 192 4.64 -10.09 -6.77
CA ARG A 192 5.06 -11.45 -6.40
C ARG A 192 5.52 -12.19 -7.66
N ASP A 193 4.80 -11.98 -8.77
CA ASP A 193 5.17 -12.60 -10.04
C ASP A 193 6.54 -12.12 -10.53
N LEU A 194 6.80 -10.81 -10.43
CA LEU A 194 8.08 -10.21 -10.79
C LEU A 194 9.21 -10.82 -9.98
N LEU A 195 8.97 -10.97 -8.69
CA LEU A 195 9.92 -11.54 -7.77
C LEU A 195 10.27 -12.94 -8.23
N SER A 196 9.25 -13.69 -8.64
CA SER A 196 9.41 -15.09 -9.05
CA SER A 196 9.43 -15.09 -9.03
C SER A 196 10.18 -15.24 -10.34
N ALA A 197 9.97 -14.30 -11.26
CA ALA A 197 10.54 -14.39 -12.60
C ALA A 197 11.93 -13.78 -12.74
N GLU A 198 12.19 -12.71 -12.01
CA GLU A 198 13.45 -11.97 -12.17
C GLU A 198 14.45 -12.33 -11.07
MG MG B . 0.28 4.79 1.51
S SO4 C . 21.83 -9.64 2.52
O1 SO4 C . 21.24 -8.99 1.34
O2 SO4 C . 22.59 -8.65 3.30
O3 SO4 C . 20.80 -10.20 3.40
O4 SO4 C . 22.71 -10.71 2.05
#